data_7P4Z
#
_entry.id   7P4Z
#
_cell.length_a   114.424
_cell.length_b   43.304
_cell.length_c   62.314
_cell.angle_alpha   90.000
_cell.angle_beta   109.044
_cell.angle_gamma   90.000
#
_symmetry.space_group_name_H-M   'C 1 2 1'
#
loop_
_entity.id
_entity.type
_entity.pdbx_description
1 polymer Avidin
2 non-polymer 2-acetamido-2-deoxy-beta-D-glucopyranose
3 water water
#
_entity_poly.entity_id   1
_entity_poly.type   'polypeptide(L)'
_entity_poly.pdbx_seq_one_letter_code
;KCSLTGKWTNDLGSNMTIGAVNSRGEFTGTYITAVTATSNEIKESPLHGTQNTINKRTQPTFGFTVNWKFSESTTVFTGQ
CFIDRNGKEVLKTMWLLRSSVNDIGDDWKATRVGINIFTRL
;
_entity_poly.pdbx_strand_id   A,B
#
loop_
_chem_comp.id
_chem_comp.type
_chem_comp.name
_chem_comp.formula
NAG D-saccharide, beta linking 2-acetamido-2-deoxy-beta-D-glucopyranose 'C8 H15 N O6'
#
# COMPACT_ATOMS: atom_id res chain seq x y z
N LYS A 1 15.68 12.84 13.01
CA LYS A 1 15.06 12.14 11.89
C LYS A 1 14.08 11.06 12.35
N CYS A 2 12.88 11.11 11.78
CA CYS A 2 11.80 10.20 12.14
C CYS A 2 12.01 8.87 11.43
N SER A 3 12.15 7.78 12.18
CA SER A 3 12.41 6.45 11.64
C SER A 3 11.24 5.52 11.93
N LEU A 4 11.03 4.54 11.05
CA LEU A 4 9.88 3.68 11.20
C LEU A 4 10.14 2.44 12.04
N THR A 5 11.40 2.05 12.21
CA THR A 5 11.72 0.88 12.98
C THR A 5 11.21 1.01 14.41
N GLY A 6 10.78 -0.10 14.98
CA GLY A 6 10.27 -0.14 16.34
C GLY A 6 8.83 -0.61 16.40
N LYS A 7 8.22 -0.40 17.55
CA LYS A 7 6.85 -0.84 17.81
C LYS A 7 5.94 0.37 17.90
N TRP A 8 4.78 0.29 17.24
CA TRP A 8 3.89 1.43 17.09
C TRP A 8 2.48 1.05 17.56
N THR A 9 1.75 2.05 18.02
CA THR A 9 0.38 1.90 18.49
C THR A 9 -0.47 3.01 17.92
N ASN A 10 -1.72 2.71 17.57
CA ASN A 10 -2.56 3.70 16.90
C ASN A 10 -3.79 4.02 17.74
N ASP A 11 -4.63 4.90 17.18
CA ASP A 11 -5.81 5.40 17.89
C ASP A 11 -6.85 4.32 18.16
N LEU A 12 -6.80 3.19 17.48
CA LEU A 12 -7.81 2.16 17.65
C LEU A 12 -7.32 1.04 18.56
N GLY A 13 -6.11 1.16 19.10
CA GLY A 13 -5.51 0.13 19.91
C GLY A 13 -4.69 -0.89 19.14
N SER A 14 -4.78 -0.90 17.81
CA SER A 14 -3.96 -1.79 17.02
C SER A 14 -2.49 -1.45 17.19
N ASN A 15 -1.65 -2.47 17.16
CA ASN A 15 -0.22 -2.32 17.36
C ASN A 15 0.51 -2.95 16.19
N MET A 16 1.68 -2.39 15.86
CA MET A 16 2.51 -2.94 14.79
C MET A 16 3.97 -2.79 15.14
N THR A 17 4.78 -3.63 14.50
CA THR A 17 6.21 -3.75 14.75
C THR A 17 6.91 -3.78 13.40
N ILE A 18 7.76 -2.79 13.14
CA ILE A 18 8.48 -2.65 11.88
C ILE A 18 9.95 -2.97 12.11
N GLY A 19 10.53 -3.73 11.19
CA GLY A 19 11.95 -4.05 11.24
C GLY A 19 12.79 -2.92 10.69
N ALA A 20 13.99 -3.26 10.25
CA ALA A 20 14.95 -2.26 9.79
C ALA A 20 14.63 -1.84 8.36
N VAL A 21 14.88 -0.58 8.06
CA VAL A 21 14.64 -0.01 6.74
C VAL A 21 15.97 -0.01 5.98
N ASN A 22 16.08 -0.87 4.97
CA ASN A 22 17.34 -0.99 4.23
C ASN A 22 17.54 0.23 3.32
N SER A 23 18.68 0.24 2.63
CA SER A 23 19.13 1.47 1.96
C SER A 23 18.17 1.90 0.86
N ARG A 24 17.45 0.94 0.26
CA ARG A 24 16.42 1.26 -0.72
C ARG A 24 15.06 1.55 -0.08
N GLY A 25 15.01 1.70 1.24
CA GLY A 25 13.78 2.10 1.93
C GLY A 25 12.79 0.99 2.20
N GLU A 26 13.15 -0.26 1.92
CA GLU A 26 12.25 -1.40 2.03
C GLU A 26 12.19 -1.88 3.47
N PHE A 27 11.04 -2.41 3.87
CA PHE A 27 10.91 -2.79 5.27
C PHE A 27 9.78 -3.80 5.41
N THR A 28 9.83 -4.57 6.49
CA THR A 28 8.88 -5.63 6.79
C THR A 28 8.47 -5.45 8.25
N GLY A 29 7.30 -5.98 8.59
CA GLY A 29 6.85 -5.96 9.97
C GLY A 29 5.60 -6.79 10.14
N THR A 30 5.05 -6.75 11.34
CA THR A 30 3.79 -7.43 11.59
C THR A 30 2.79 -6.45 12.19
N TYR A 31 1.51 -6.69 11.90
CA TYR A 31 0.44 -5.81 12.33
C TYR A 31 -0.47 -6.59 13.27
N ILE A 32 -0.84 -5.99 14.40
CA ILE A 32 -1.49 -6.70 15.49
C ILE A 32 -2.81 -6.02 15.83
N THR A 33 -3.92 -6.74 15.67
CA THR A 33 -5.27 -6.23 15.89
C THR A 33 -6.08 -7.24 16.71
N ALA A 34 -7.22 -6.78 17.24
CA ALA A 34 -8.01 -7.64 18.13
C ALA A 34 -9.48 -7.70 17.76
N VAL A 35 -10.28 -8.21 18.70
CA VAL A 35 -11.76 -8.33 18.67
C VAL A 35 -12.25 -8.86 17.33
N GLU A 41 -7.60 -12.80 21.80
CA GLU A 41 -8.35 -12.03 20.84
C GLU A 41 -7.47 -11.51 19.70
N ILE A 42 -6.19 -11.87 19.73
CA ILE A 42 -5.15 -11.12 19.02
C ILE A 42 -4.63 -11.91 17.83
N LYS A 43 -4.76 -11.32 16.64
CA LYS A 43 -4.26 -11.91 15.41
C LYS A 43 -3.11 -11.05 14.87
N GLU A 44 -2.12 -11.71 14.26
CA GLU A 44 -0.98 -11.02 13.66
C GLU A 44 -0.99 -11.29 12.18
N SER A 45 -0.82 -10.26 11.37
CA SER A 45 -0.64 -10.42 9.94
C SER A 45 0.68 -9.75 9.55
N PRO A 46 1.27 -10.16 8.43
CA PRO A 46 2.49 -9.48 7.96
C PRO A 46 2.18 -8.22 7.16
N LEU A 47 3.18 -7.33 7.10
CA LEU A 47 3.11 -6.12 6.28
C LEU A 47 4.44 -5.91 5.56
N HIS A 48 4.35 -5.33 4.35
CA HIS A 48 5.50 -4.97 3.53
C HIS A 48 5.31 -3.57 2.97
N GLY A 49 6.40 -2.82 2.83
CA GLY A 49 6.28 -1.55 2.15
C GLY A 49 7.63 -0.91 1.93
N THR A 50 7.60 0.38 1.62
CA THR A 50 8.80 1.17 1.39
C THR A 50 8.65 2.56 1.98
N GLN A 51 9.76 3.08 2.48
CA GLN A 51 9.91 4.46 2.92
C GLN A 51 10.58 5.25 1.79
N ASN A 52 9.96 6.38 1.40
CA ASN A 52 10.56 7.19 0.34
C ASN A 52 11.85 7.82 0.84
N THR A 53 12.90 7.71 0.01
CA THR A 53 14.24 8.15 0.37
C THR A 53 14.67 9.44 -0.32
N ILE A 54 13.94 9.91 -1.34
CA ILE A 54 14.38 11.04 -2.15
C ILE A 54 14.61 12.25 -1.27
N ASN A 55 15.77 12.89 -1.45
CA ASN A 55 16.25 14.05 -0.69
C ASN A 55 16.50 13.73 0.77
N LYS A 56 16.43 12.45 1.16
CA LYS A 56 16.76 11.99 2.52
C LYS A 56 16.00 12.77 3.59
N ARG A 57 14.73 13.06 3.32
CA ARG A 57 13.98 13.94 4.20
C ARG A 57 13.88 13.35 5.59
N THR A 58 13.91 14.23 6.60
CA THR A 58 13.85 13.78 7.99
C THR A 58 12.44 13.38 8.39
N GLN A 59 11.43 13.73 7.59
CA GLN A 59 10.05 13.29 7.80
C GLN A 59 9.62 12.71 6.46
N PRO A 60 9.96 11.44 6.21
CA PRO A 60 9.67 10.85 4.90
C PRO A 60 8.23 10.39 4.79
N THR A 61 7.75 10.30 3.55
CA THR A 61 6.50 9.60 3.31
C THR A 61 6.78 8.12 3.18
N PHE A 62 5.70 7.34 3.06
CA PHE A 62 5.84 5.92 3.34
C PHE A 62 4.51 5.25 3.05
N GLY A 63 4.54 3.94 2.90
CA GLY A 63 3.32 3.21 2.56
C GLY A 63 3.56 1.73 2.63
N PHE A 64 2.55 0.94 2.97
CA PHE A 64 2.82 -0.44 3.32
C PHE A 64 1.50 -1.21 3.21
N THR A 65 1.61 -2.48 2.82
CA THR A 65 0.46 -3.34 2.60
C THR A 65 0.38 -4.38 3.70
N VAL A 66 -0.79 -4.52 4.32
CA VAL A 66 -1.00 -5.58 5.30
C VAL A 66 -1.71 -6.74 4.62
N ASN A 67 -1.06 -7.91 4.61
CA ASN A 67 -1.64 -9.12 4.04
C ASN A 67 -2.39 -9.86 5.14
N TRP A 68 -3.65 -9.44 5.34
CA TRP A 68 -4.47 -9.99 6.42
C TRP A 68 -4.57 -11.50 6.29
N LYS A 69 -4.24 -12.21 7.37
CA LYS A 69 -4.22 -13.67 7.34
C LYS A 69 -5.42 -14.30 8.01
N PHE A 70 -6.38 -13.49 8.49
CA PHE A 70 -7.63 -14.02 9.01
C PHE A 70 -8.81 -13.73 8.11
N SER A 71 -8.61 -13.07 6.97
CA SER A 71 -9.69 -12.75 6.06
C SER A 71 -9.16 -12.67 4.65
N GLU A 72 -10.07 -12.53 3.69
CA GLU A 72 -9.66 -12.37 2.30
C GLU A 72 -9.32 -10.91 1.93
N SER A 73 -9.31 -10.00 2.90
CA SER A 73 -9.19 -8.57 2.67
C SER A 73 -7.72 -8.14 2.56
N THR A 74 -7.50 -6.94 2.01
CA THR A 74 -6.20 -6.30 2.01
C THR A 74 -6.37 -4.82 2.36
N THR A 75 -5.48 -4.31 3.22
CA THR A 75 -5.42 -2.89 3.56
C THR A 75 -4.06 -2.33 3.18
N VAL A 76 -4.04 -1.11 2.65
CA VAL A 76 -2.82 -0.34 2.44
C VAL A 76 -2.86 0.89 3.32
N PHE A 77 -1.72 1.28 3.88
CA PHE A 77 -1.67 2.60 4.50
C PHE A 77 -0.62 3.43 3.77
N THR A 78 -0.76 4.74 3.86
CA THR A 78 0.32 5.60 3.43
C THR A 78 0.24 6.90 4.21
N GLY A 79 1.40 7.49 4.45
CA GLY A 79 1.44 8.74 5.19
C GLY A 79 2.84 9.26 5.38
N GLN A 80 3.10 9.91 6.51
CA GLN A 80 4.38 10.56 6.71
C GLN A 80 4.78 10.43 8.17
N CYS A 81 6.09 10.39 8.39
CA CYS A 81 6.69 10.17 9.71
C CYS A 81 7.09 11.55 10.24
N PHE A 82 6.23 12.14 11.07
CA PHE A 82 6.46 13.50 11.53
C PHE A 82 7.20 13.57 12.86
N ILE A 83 7.69 14.77 13.17
CA ILE A 83 8.18 15.15 14.49
C ILE A 83 7.24 16.23 15.03
N ASP A 84 6.53 15.94 16.14
CA ASP A 84 5.59 16.91 16.67
C ASP A 84 6.34 17.99 17.46
N ARG A 85 5.58 18.99 17.92
CA ARG A 85 6.18 20.15 18.60
C ARG A 85 7.04 19.75 19.80
N ASN A 86 6.73 18.62 20.43
CA ASN A 86 7.49 18.17 21.59
C ASN A 86 8.81 17.50 21.20
N GLY A 87 8.93 17.02 19.97
CA GLY A 87 10.06 16.19 19.59
C GLY A 87 9.72 14.72 19.44
N LYS A 88 8.44 14.35 19.59
CA LYS A 88 8.01 12.98 19.47
C LYS A 88 7.87 12.57 18.00
N GLU A 89 7.86 11.27 17.77
CA GLU A 89 7.63 10.72 16.45
C GLU A 89 6.17 10.29 16.32
N VAL A 90 5.50 10.77 15.28
CA VAL A 90 4.10 10.45 15.02
C VAL A 90 3.99 10.00 13.57
N LEU A 91 3.20 8.95 13.33
CA LEU A 91 2.92 8.49 11.98
C LEU A 91 1.49 8.93 11.65
N LYS A 92 1.34 9.77 10.64
CA LYS A 92 0.03 10.21 10.18
C LYS A 92 -0.27 9.42 8.91
N THR A 93 -1.30 8.58 8.95
CA THR A 93 -1.56 7.69 7.83
C THR A 93 -3.01 7.74 7.44
N MET A 94 -3.28 7.47 6.17
CA MET A 94 -4.61 7.14 5.73
C MET A 94 -4.58 5.76 5.10
N TRP A 95 -5.71 5.06 5.12
CA TRP A 95 -5.73 3.70 4.61
C TRP A 95 -6.90 3.46 3.67
N LEU A 96 -6.72 2.44 2.83
CA LEU A 96 -7.79 1.84 2.05
C LEU A 96 -7.87 0.38 2.44
N LEU A 97 -9.07 -0.04 2.83
CA LEU A 97 -9.38 -1.43 3.14
C LEU A 97 -10.16 -2.01 1.97
N ARG A 98 -9.53 -2.91 1.22
CA ARG A 98 -10.19 -3.59 0.11
C ARG A 98 -10.82 -4.87 0.61
N SER A 99 -12.13 -4.99 0.49
CA SER A 99 -12.83 -6.23 0.73
C SER A 99 -12.92 -7.03 -0.54
N SER A 100 -12.97 -8.34 -0.38
CA SER A 100 -13.24 -9.27 -1.48
C SER A 100 -14.71 -9.26 -1.86
N VAL A 101 -14.98 -9.10 -3.15
CA VAL A 101 -16.33 -9.30 -3.66
C VAL A 101 -16.28 -10.40 -4.71
N ASN A 102 -17.43 -11.02 -4.95
CA ASN A 102 -17.41 -12.17 -5.85
C ASN A 102 -17.55 -11.77 -7.31
N ASP A 103 -18.48 -10.87 -7.60
CA ASP A 103 -18.73 -10.42 -8.96
C ASP A 103 -18.12 -9.04 -9.15
N ILE A 104 -17.52 -8.83 -10.33
CA ILE A 104 -16.97 -7.52 -10.66
C ILE A 104 -18.02 -6.41 -10.52
N GLY A 105 -19.29 -6.73 -10.75
CA GLY A 105 -20.37 -5.76 -10.58
C GLY A 105 -20.57 -5.26 -9.17
N ASP A 106 -19.98 -5.92 -8.18
CA ASP A 106 -20.00 -5.45 -6.80
C ASP A 106 -18.77 -4.63 -6.43
N ASP A 107 -17.86 -4.40 -7.39
CA ASP A 107 -16.60 -3.75 -7.07
C ASP A 107 -16.80 -2.35 -6.48
N TRP A 108 -17.79 -1.61 -7.00
CA TRP A 108 -18.03 -0.23 -6.53
C TRP A 108 -18.12 -0.13 -5.00
N LYS A 109 -18.60 -1.17 -4.31
CA LYS A 109 -18.79 -1.02 -2.87
C LYS A 109 -17.69 -1.68 -2.03
N ALA A 110 -16.53 -1.98 -2.64
CA ALA A 110 -15.54 -2.86 -2.02
C ALA A 110 -14.46 -2.16 -1.20
N THR A 111 -14.39 -0.83 -1.19
CA THR A 111 -13.22 -0.14 -0.65
C THR A 111 -13.63 0.86 0.43
N ARG A 112 -13.20 0.60 1.66
CA ARG A 112 -13.37 1.52 2.78
C ARG A 112 -12.10 2.35 2.97
N VAL A 113 -12.29 3.57 3.47
CA VAL A 113 -11.23 4.55 3.70
C VAL A 113 -11.34 5.05 5.15
N GLY A 114 -10.18 5.35 5.72
CA GLY A 114 -10.14 5.93 7.05
C GLY A 114 -8.75 6.44 7.33
N ILE A 115 -8.50 6.75 8.60
CA ILE A 115 -7.25 7.35 9.05
C ILE A 115 -6.73 6.49 10.19
N ASN A 116 -5.42 6.62 10.46
CA ASN A 116 -4.82 6.08 11.66
C ASN A 116 -3.63 6.94 12.04
N ILE A 117 -3.46 7.15 13.34
CA ILE A 117 -2.33 7.91 13.87
C ILE A 117 -1.59 6.99 14.83
N PHE A 118 -0.28 6.89 14.65
CA PHE A 118 0.57 5.97 15.40
C PHE A 118 1.55 6.75 16.26
N THR A 119 1.76 6.27 17.48
CA THR A 119 2.89 6.70 18.30
C THR A 119 3.65 5.45 18.75
N ARG A 120 4.84 5.65 19.32
CA ARG A 120 5.67 4.48 19.63
C ARG A 120 5.22 3.77 20.90
N LEU A 121 5.60 2.49 20.99
CA LEU A 121 5.39 1.71 22.21
C LEU A 121 6.59 1.81 23.15
N LYS B 1 -8.58 -18.33 -12.74
CA LYS B 1 -7.53 -17.80 -11.86
C LYS B 1 -6.91 -16.50 -12.37
N CYS B 2 -7.24 -15.38 -11.72
CA CYS B 2 -6.62 -14.10 -12.05
C CYS B 2 -5.26 -14.03 -11.35
N SER B 3 -4.22 -13.68 -12.10
CA SER B 3 -2.86 -13.62 -11.61
C SER B 3 -2.28 -12.22 -11.77
N LEU B 4 -1.52 -11.77 -10.78
CA LEU B 4 -0.95 -10.43 -10.82
C LEU B 4 0.31 -10.34 -11.66
N THR B 5 0.96 -11.47 -11.94
CA THR B 5 2.17 -11.47 -12.74
C THR B 5 1.90 -11.04 -14.17
N GLY B 6 2.88 -10.36 -14.76
CA GLY B 6 2.75 -9.88 -16.12
C GLY B 6 2.87 -8.38 -16.22
N LYS B 7 2.50 -7.85 -17.38
CA LYS B 7 2.63 -6.43 -17.66
C LYS B 7 1.24 -5.83 -17.84
N TRP B 8 1.00 -4.68 -17.21
CA TRP B 8 -0.32 -4.09 -17.16
C TRP B 8 -0.27 -2.64 -17.65
N THR B 9 -1.34 -2.21 -18.28
CA THR B 9 -1.56 -0.80 -18.62
C THR B 9 -2.85 -0.32 -17.95
N ASN B 10 -2.91 0.96 -17.60
CA ASN B 10 -4.08 1.49 -16.92
C ASN B 10 -4.81 2.51 -17.78
N ASP B 11 -5.95 2.96 -17.25
CA ASP B 11 -6.77 3.97 -17.91
C ASP B 11 -6.06 5.29 -18.11
N LEU B 12 -4.95 5.55 -17.41
CA LEU B 12 -4.23 6.80 -17.55
C LEU B 12 -2.99 6.66 -18.43
N GLY B 13 -2.80 5.51 -19.09
CA GLY B 13 -1.63 5.29 -19.91
C GLY B 13 -0.41 4.78 -19.18
N SER B 14 -0.43 4.72 -17.84
CA SER B 14 0.72 4.22 -17.11
C SER B 14 0.78 2.71 -17.22
N ASN B 15 1.99 2.18 -17.11
CA ASN B 15 2.24 0.76 -17.28
C ASN B 15 2.98 0.24 -16.05
N MET B 16 2.70 -1.02 -15.70
CA MET B 16 3.45 -1.68 -14.63
C MET B 16 3.75 -3.13 -15.00
N THR B 17 4.84 -3.63 -14.43
CA THR B 17 5.30 -4.99 -14.56
C THR B 17 5.36 -5.59 -13.17
N ILE B 18 4.79 -6.76 -12.99
CA ILE B 18 4.87 -7.47 -11.72
C ILE B 18 5.50 -8.83 -11.97
N GLY B 19 6.44 -9.20 -11.11
CA GLY B 19 7.08 -10.50 -11.18
C GLY B 19 6.22 -11.60 -10.61
N ALA B 20 6.89 -12.72 -10.31
CA ALA B 20 6.20 -13.87 -9.75
C ALA B 20 5.71 -13.58 -8.33
N VAL B 21 4.50 -14.02 -8.02
CA VAL B 21 3.97 -14.00 -6.66
C VAL B 21 4.38 -15.30 -5.97
N ASN B 22 5.07 -15.17 -4.82
CA ASN B 22 5.61 -16.34 -4.15
C ASN B 22 4.56 -16.93 -3.20
N SER B 23 4.94 -18.02 -2.51
CA SER B 23 3.99 -18.77 -1.70
C SER B 23 3.37 -17.93 -0.57
N ARG B 24 4.01 -16.82 -0.19
CA ARG B 24 3.49 -15.95 0.85
C ARG B 24 2.78 -14.72 0.31
N GLY B 25 2.34 -14.75 -0.96
CA GLY B 25 1.65 -13.64 -1.57
C GLY B 25 2.52 -12.45 -1.96
N GLU B 26 3.82 -12.46 -1.63
CA GLU B 26 4.71 -11.31 -1.80
C GLU B 26 5.12 -11.15 -3.25
N PHE B 27 5.33 -9.91 -3.68
CA PHE B 27 5.61 -9.70 -5.09
C PHE B 27 6.26 -8.32 -5.24
N THR B 28 7.05 -8.18 -6.30
CA THR B 28 7.70 -6.92 -6.61
C THR B 28 7.51 -6.61 -8.08
N GLY B 29 7.94 -5.42 -8.48
CA GLY B 29 7.77 -5.00 -9.85
C GLY B 29 8.14 -3.54 -10.01
N THR B 30 7.82 -3.02 -11.19
CA THR B 30 8.16 -1.63 -11.49
C THR B 30 6.96 -0.91 -12.11
N TYR B 31 6.80 0.35 -11.74
CA TYR B 31 5.70 1.19 -12.21
C TYR B 31 6.29 2.23 -13.15
N ILE B 32 5.63 2.44 -14.29
CA ILE B 32 6.21 3.19 -15.40
C ILE B 32 5.19 4.25 -15.83
N THR B 33 5.55 5.52 -15.66
CA THR B 33 4.64 6.62 -15.91
C THR B 33 5.38 7.75 -16.61
N ALA B 34 4.62 8.55 -17.37
CA ALA B 34 5.14 9.64 -18.17
C ALA B 34 5.49 10.85 -17.31
N ASN B 40 6.12 10.88 -23.32
CA ASN B 40 7.13 11.94 -23.36
C ASN B 40 8.44 11.39 -22.77
N GLU B 41 8.83 11.89 -21.60
CA GLU B 41 9.94 11.31 -20.83
C GLU B 41 9.37 10.39 -19.75
N ILE B 42 9.91 9.17 -19.70
CA ILE B 42 9.33 8.03 -19.00
C ILE B 42 10.17 7.73 -17.76
N LYS B 43 9.50 7.52 -16.63
CA LYS B 43 10.19 7.25 -15.37
C LYS B 43 9.77 5.90 -14.82
N GLU B 44 10.71 5.19 -14.20
CA GLU B 44 10.41 3.95 -13.51
C GLU B 44 10.57 4.11 -12.02
N SER B 45 9.71 3.43 -11.27
CA SER B 45 9.80 3.40 -9.82
C SER B 45 9.50 1.98 -9.36
N PRO B 46 10.15 1.52 -8.31
CA PRO B 46 9.89 0.17 -7.82
C PRO B 46 8.58 0.12 -7.04
N LEU B 47 8.01 -1.08 -6.99
CA LEU B 47 6.80 -1.33 -6.22
C LEU B 47 6.93 -2.67 -5.51
N HIS B 48 6.31 -2.76 -4.34
CA HIS B 48 6.35 -3.94 -3.49
C HIS B 48 4.99 -4.12 -2.85
N GLY B 49 4.50 -5.35 -2.84
CA GLY B 49 3.26 -5.58 -2.15
C GLY B 49 3.01 -7.05 -1.96
N THR B 50 1.76 -7.37 -1.66
CA THR B 50 1.34 -8.74 -1.49
C THR B 50 -0.05 -8.93 -2.06
N GLN B 51 -0.38 -10.20 -2.21
CA GLN B 51 -1.64 -10.71 -2.71
C GLN B 51 -2.20 -11.62 -1.64
N ASN B 52 -3.46 -11.38 -1.25
CA ASN B 52 -4.10 -12.21 -0.23
C ASN B 52 -4.35 -13.61 -0.78
N THR B 53 -3.90 -14.61 -0.02
CA THR B 53 -4.02 -16.00 -0.42
C THR B 53 -5.12 -16.75 0.34
N ILE B 54 -5.83 -16.09 1.26
CA ILE B 54 -6.78 -16.80 2.09
C ILE B 54 -7.89 -17.38 1.24
N ASN B 55 -8.14 -18.69 1.42
CA ASN B 55 -9.15 -19.47 0.72
C ASN B 55 -8.82 -19.68 -0.75
N LYS B 56 -7.58 -19.40 -1.14
CA LYS B 56 -7.10 -19.49 -2.52
C LYS B 56 -8.15 -18.99 -3.51
N ARG B 57 -8.54 -17.72 -3.33
CA ARG B 57 -9.61 -17.22 -4.18
C ARG B 57 -9.09 -17.04 -5.59
N THR B 58 -9.95 -17.33 -6.57
CA THR B 58 -9.55 -17.13 -7.96
C THR B 58 -9.45 -15.66 -8.32
N GLN B 59 -10.16 -14.78 -7.58
CA GLN B 59 -10.12 -13.34 -7.81
C GLN B 59 -9.66 -12.76 -6.47
N PRO B 60 -8.33 -12.66 -6.24
CA PRO B 60 -7.86 -12.25 -4.91
C PRO B 60 -7.65 -10.75 -4.74
N THR B 61 -7.76 -10.30 -3.50
CA THR B 61 -7.38 -8.94 -3.18
C THR B 61 -5.86 -8.87 -3.11
N PHE B 62 -5.35 -7.64 -2.95
CA PHE B 62 -3.95 -7.35 -3.17
C PHE B 62 -3.73 -5.89 -2.78
N GLY B 63 -2.48 -5.54 -2.52
CA GLY B 63 -2.08 -4.16 -2.29
C GLY B 63 -0.60 -4.06 -2.57
N PHE B 64 -0.11 -2.84 -2.75
CA PHE B 64 1.24 -2.69 -3.26
C PHE B 64 1.58 -1.21 -3.15
N THR B 65 2.83 -0.94 -2.82
CA THR B 65 3.32 0.41 -2.58
C THR B 65 4.28 0.76 -3.70
N VAL B 66 4.13 1.96 -4.24
CA VAL B 66 5.03 2.48 -5.26
C VAL B 66 5.96 3.48 -4.59
N ASN B 67 7.27 3.23 -4.69
CA ASN B 67 8.28 4.07 -4.05
C ASN B 67 8.82 5.05 -5.09
N TRP B 68 8.11 6.17 -5.27
CA TRP B 68 8.44 7.12 -6.33
C TRP B 68 9.90 7.54 -6.27
N LYS B 69 10.57 7.46 -7.41
CA LYS B 69 12.01 7.74 -7.45
C LYS B 69 12.33 9.11 -8.02
N PHE B 70 11.34 9.86 -8.47
CA PHE B 70 11.53 11.21 -8.97
C PHE B 70 10.83 12.26 -8.10
N SER B 71 10.18 11.86 -7.01
CA SER B 71 9.57 12.79 -6.08
C SER B 71 9.70 12.21 -4.68
N GLU B 72 9.31 13.01 -3.69
CA GLU B 72 9.31 12.61 -2.30
C GLU B 72 8.01 11.93 -1.90
N SER B 73 7.12 11.68 -2.85
CA SER B 73 5.78 11.15 -2.59
C SER B 73 5.80 9.62 -2.47
N THR B 74 4.66 9.07 -2.01
CA THR B 74 4.40 7.63 -1.99
C THR B 74 2.95 7.39 -2.42
N THR B 75 2.71 6.38 -3.27
CA THR B 75 1.35 5.95 -3.58
C THR B 75 1.18 4.48 -3.22
N VAL B 76 0.07 4.17 -2.55
CA VAL B 76 -0.35 2.79 -2.32
C VAL B 76 -1.58 2.52 -3.19
N PHE B 77 -1.67 1.31 -3.75
CA PHE B 77 -2.86 0.89 -4.48
C PHE B 77 -3.42 -0.36 -3.83
N THR B 78 -4.74 -0.51 -3.88
CA THR B 78 -5.32 -1.74 -3.40
C THR B 78 -6.55 -2.07 -4.23
N GLY B 79 -6.84 -3.35 -4.35
CA GLY B 79 -7.91 -3.74 -5.25
C GLY B 79 -7.99 -5.25 -5.37
N GLN B 80 -8.64 -5.68 -6.42
CA GLN B 80 -8.91 -7.09 -6.61
C GLN B 80 -8.63 -7.44 -8.06
N CYS B 81 -8.23 -8.70 -8.25
CA CYS B 81 -7.88 -9.24 -9.55
C CYS B 81 -9.13 -9.94 -10.07
N PHE B 82 -9.80 -9.34 -11.05
CA PHE B 82 -11.03 -9.93 -11.58
C PHE B 82 -10.80 -10.62 -12.92
N ILE B 83 -11.72 -11.53 -13.23
CA ILE B 83 -11.91 -12.09 -14.56
C ILE B 83 -13.33 -11.68 -14.99
N ASP B 84 -13.42 -10.77 -15.96
CA ASP B 84 -14.71 -10.19 -16.35
C ASP B 84 -15.53 -11.26 -17.09
N ARG B 85 -16.65 -10.83 -17.72
CA ARG B 85 -17.54 -11.78 -18.38
C ARG B 85 -16.82 -12.56 -19.48
N ASN B 86 -15.88 -11.90 -20.18
CA ASN B 86 -15.24 -12.51 -21.35
C ASN B 86 -14.24 -13.58 -20.96
N GLY B 87 -13.75 -13.52 -19.72
CA GLY B 87 -12.59 -14.29 -19.35
C GLY B 87 -11.31 -13.47 -19.26
N LYS B 88 -11.40 -12.15 -19.29
CA LYS B 88 -10.22 -11.28 -19.31
C LYS B 88 -9.85 -10.87 -17.90
N GLU B 89 -8.55 -10.88 -17.62
CA GLU B 89 -8.05 -10.36 -16.35
C GLU B 89 -8.10 -8.84 -16.31
N VAL B 90 -8.70 -8.29 -15.26
CA VAL B 90 -8.80 -6.84 -15.08
C VAL B 90 -8.60 -6.51 -13.60
N LEU B 91 -7.77 -5.52 -13.33
CA LEU B 91 -7.43 -5.12 -11.96
C LEU B 91 -8.22 -3.87 -11.64
N LYS B 92 -9.17 -3.98 -10.72
CA LYS B 92 -9.88 -2.82 -10.21
C LYS B 92 -9.15 -2.36 -8.94
N THR B 93 -8.68 -1.11 -8.92
CA THR B 93 -7.92 -0.62 -7.79
C THR B 93 -8.31 0.81 -7.44
N MET B 94 -7.91 1.21 -6.24
CA MET B 94 -8.00 2.58 -5.80
C MET B 94 -6.70 2.89 -5.08
N TRP B 95 -6.35 4.17 -5.05
CA TRP B 95 -5.04 4.54 -4.54
C TRP B 95 -5.14 5.77 -3.65
N LEU B 96 -4.21 5.85 -2.71
CA LEU B 96 -3.92 7.06 -1.94
C LEU B 96 -2.51 7.50 -2.34
N LEU B 97 -2.42 8.69 -2.95
CA LEU B 97 -1.15 9.38 -3.21
C LEU B 97 -0.82 10.24 -2.01
N ARG B 98 0.20 9.86 -1.23
CA ARG B 98 0.69 10.70 -0.14
C ARG B 98 1.75 11.65 -0.68
N SER B 99 1.49 12.95 -0.59
CA SER B 99 2.50 13.97 -0.82
C SER B 99 3.25 14.26 0.47
N SER B 100 4.52 14.61 0.32
CA SER B 100 5.31 15.15 1.42
C SER B 100 4.87 16.58 1.74
N VAL B 101 4.69 16.86 3.03
CA VAL B 101 4.50 18.23 3.50
C VAL B 101 5.57 18.51 4.55
N ASN B 102 5.92 19.80 4.68
CA ASN B 102 7.01 20.19 5.57
C ASN B 102 6.58 20.23 7.02
N ASP B 103 5.32 20.54 7.28
CA ASP B 103 4.85 20.74 8.64
C ASP B 103 3.71 19.78 8.94
N ILE B 104 3.65 19.31 10.19
CA ILE B 104 2.58 18.40 10.56
C ILE B 104 1.22 19.09 10.50
N GLY B 105 1.18 20.42 10.58
CA GLY B 105 -0.07 21.15 10.42
C GLY B 105 -0.60 21.16 9.00
N ASP B 106 0.25 20.87 8.03
CA ASP B 106 -0.20 20.71 6.65
C ASP B 106 -0.66 19.28 6.36
N ASP B 107 -0.72 18.40 7.38
CA ASP B 107 -1.01 16.99 7.13
C ASP B 107 -2.35 16.80 6.45
N TRP B 108 -3.38 17.53 6.91
CA TRP B 108 -4.74 17.31 6.44
C TRP B 108 -4.89 17.41 4.92
N LYS B 109 -4.01 18.14 4.23
CA LYS B 109 -4.15 18.31 2.79
C LYS B 109 -3.17 17.48 1.97
N ALA B 110 -2.52 16.48 2.55
CA ALA B 110 -1.40 15.82 1.89
C ALA B 110 -1.78 14.52 1.19
N THR B 111 -3.06 14.15 1.11
CA THR B 111 -3.43 12.83 0.61
C THR B 111 -4.51 12.91 -0.45
N ARG B 112 -4.15 12.56 -1.69
CA ARG B 112 -5.09 12.45 -2.80
C ARG B 112 -5.57 11.00 -2.93
N VAL B 113 -6.77 10.83 -3.52
CA VAL B 113 -7.42 9.54 -3.74
C VAL B 113 -7.93 9.47 -5.17
N GLY B 114 -7.92 8.27 -5.74
CA GLY B 114 -8.47 8.07 -7.07
C GLY B 114 -8.56 6.60 -7.43
N ILE B 115 -8.88 6.35 -8.69
CA ILE B 115 -9.06 4.99 -9.21
C ILE B 115 -8.02 4.74 -10.30
N ASN B 116 -7.75 3.46 -10.54
CA ASN B 116 -7.03 3.01 -11.72
C ASN B 116 -7.53 1.61 -12.06
N ILE B 117 -7.91 1.41 -13.32
CA ILE B 117 -8.25 0.10 -13.86
C ILE B 117 -7.10 -0.37 -14.76
N PHE B 118 -6.66 -1.62 -14.57
CA PHE B 118 -5.52 -2.19 -15.28
C PHE B 118 -5.97 -3.36 -16.13
N THR B 119 -5.57 -3.39 -17.39
CA THR B 119 -5.69 -4.55 -18.25
C THR B 119 -4.30 -4.98 -18.72
N ARG B 120 -4.25 -6.18 -19.29
CA ARG B 120 -3.01 -6.79 -19.76
C ARG B 120 -2.47 -6.11 -21.02
N LEU B 121 -1.14 -5.97 -21.08
CA LEU B 121 -0.51 -5.23 -22.17
C LEU B 121 0.19 -6.16 -23.18
C1 NAG C . -0.45 -3.50 22.06
C2 NAG C . -1.45 -4.62 22.17
C3 NAG C . -1.74 -4.84 23.65
C4 NAG C . -0.44 -5.06 24.42
C5 NAG C . 0.70 -4.10 24.00
C6 NAG C . 2.06 -4.60 24.44
C7 NAG C . -3.28 -5.24 20.67
C8 NAG C . -4.53 -4.81 19.98
N2 NAG C . -2.68 -4.33 21.44
O3 NAG C . -2.61 -5.95 23.81
O4 NAG C . -0.69 -4.83 25.81
O5 NAG C . 0.77 -3.93 22.57
O6 NAG C . 3.05 -4.39 23.44
O7 NAG C . -2.83 -6.38 20.55
C1 NAG D . 3.26 1.30 -22.08
C2 NAG D . 4.18 2.48 -22.20
C3 NAG D . 4.26 2.89 -23.67
C4 NAG D . 4.65 1.69 -24.53
C5 NAG D . 3.86 0.42 -24.17
C6 NAG D . 4.46 -0.83 -24.77
C7 NAG D . 4.56 4.27 -20.57
C8 NAG D . 3.96 5.41 -19.81
N2 NAG D . 3.74 3.60 -21.39
O3 NAG D . 5.19 3.95 -23.83
O4 NAG D . 4.40 2.01 -25.89
O5 NAG D . 3.83 0.20 -22.74
O6 NAG D . 5.42 -1.42 -23.91
O7 NAG D . 5.74 3.95 -20.46
#